data_6QBS
#
_entry.id   6QBS
#
_cell.length_a   75.35
_cell.length_b   75.35
_cell.length_c   340.20
_cell.angle_alpha   90.00
_cell.angle_beta   90.00
_cell.angle_gamma   120.00
#
_symmetry.space_group_name_H-M   'P 61 2 2'
#
loop_
_entity.id
_entity.type
_entity.pdbx_description
1 polymer 'Cathepsin K'
2 non-polymer (2~{S})-4-methyl-~{N}-prop-2-enyl-2-[[(1~{S})-2,2,2-tris(fluoranyl)-1-[4-(4-methylsulfonylphenyl)phenyl]ethyl]amino]pentanamide
3 non-polymer 'CALCIUM ION'
4 non-polymer 'CHLORIDE ION'
5 water water
#
_entity_poly.entity_id   1
_entity_poly.type   'polypeptide(L)'
_entity_poly.pdbx_seq_one_letter_code
;APDSVDYRKKGYVTPVKNQGQCGSCWAFSSVGALEGQLKKKTGKLLNLSPQNLVDCVSENDGCGGGYMTNAFQYVQKNRG
IDSEDAYPYVGQEESCMYNPTGKAAKCRGYREIPEGNEKALKRAVARVGPVSVAIDASLTSFQFYSKGVYYDESCNSDNL
NHAVLAVGYGIQKGNKHWIIKNSWGENWGNKGYILMARNKNNACGIANLASFPKM
;
_entity_poly.pdbx_strand_id   A,B
#
# COMPACT_ATOMS: atom_id res chain seq x y z
N ALA A 1 -0.20 29.35 -12.19
CA ALA A 1 -0.62 28.29 -13.12
C ALA A 1 -1.44 28.81 -14.31
N PRO A 2 -1.24 28.29 -15.53
CA PRO A 2 -2.03 28.82 -16.66
C PRO A 2 -3.53 28.52 -16.52
N ASP A 3 -4.38 29.20 -17.33
CA ASP A 3 -5.83 28.99 -17.25
C ASP A 3 -6.28 27.63 -17.79
N SER A 4 -5.57 27.22 -18.82
CA SER A 4 -5.90 25.96 -19.46
C SER A 4 -4.63 25.17 -19.89
N VAL A 5 -4.63 23.81 -19.72
CA VAL A 5 -3.53 23.00 -20.19
C VAL A 5 -4.06 21.65 -20.73
N ASP A 6 -3.40 21.15 -21.74
CA ASP A 6 -3.80 19.87 -22.34
C ASP A 6 -2.61 19.12 -22.84
N TYR A 7 -2.13 18.13 -22.06
CA TYR A 7 -0.99 17.40 -22.54
C TYR A 7 -1.13 16.55 -23.79
N ARG A 8 -2.33 16.27 -24.20
CA ARG A 8 -2.60 15.47 -25.42
C ARG A 8 -2.01 16.27 -26.58
N LYS A 9 -2.24 17.62 -26.59
CA LYS A 9 -1.63 18.44 -27.63
C LYS A 9 -0.09 18.49 -27.61
N LYS A 10 0.59 18.32 -26.43
CA LYS A 10 2.04 18.38 -26.43
C LYS A 10 2.73 17.05 -26.72
N GLY A 11 1.95 15.97 -26.90
CA GLY A 11 2.60 14.69 -27.20
C GLY A 11 3.04 13.92 -25.97
N TYR A 12 2.41 14.21 -24.84
CA TYR A 12 2.74 13.56 -23.57
C TYR A 12 1.83 12.41 -23.16
N VAL A 13 0.81 12.01 -23.94
CA VAL A 13 -0.17 11.02 -23.57
C VAL A 13 -0.23 9.97 -24.65
N THR A 14 -0.15 8.68 -24.26
CA THR A 14 -0.18 7.60 -25.26
C THR A 14 -1.61 7.29 -25.58
N PRO A 15 -1.87 6.37 -26.53
CA PRO A 15 -3.29 6.09 -26.82
C PRO A 15 -4.04 5.47 -25.65
N VAL A 16 -5.37 5.59 -25.71
CA VAL A 16 -6.25 5.05 -24.73
C VAL A 16 -6.23 3.52 -24.77
N LYS A 17 -6.13 2.95 -23.59
CA LYS A 17 -6.13 1.50 -23.41
C LYS A 17 -7.43 1.00 -22.92
N ASN A 18 -7.48 -0.37 -22.83
CA ASN A 18 -8.59 -1.07 -22.30
C ASN A 18 -8.08 -2.14 -21.34
N GLN A 19 -8.45 -2.01 -20.08
CA GLN A 19 -8.04 -2.94 -19.03
C GLN A 19 -8.71 -4.28 -19.13
N GLY A 20 -9.76 -4.38 -19.94
CA GLY A 20 -10.46 -5.66 -20.00
C GLY A 20 -11.17 -6.05 -18.72
N GLN A 21 -11.26 -7.35 -18.44
CA GLN A 21 -11.97 -7.80 -17.24
C GLN A 21 -11.08 -7.97 -16.07
N CYS A 22 -10.12 -7.06 -15.94
CA CYS A 22 -9.16 -7.13 -14.86
C CYS A 22 -9.19 -5.75 -14.23
N GLY A 23 -9.29 -5.70 -12.91
CA GLY A 23 -9.32 -4.43 -12.17
C GLY A 23 -7.98 -3.76 -11.98
N SER A 24 -7.30 -3.54 -13.09
CA SER A 24 -5.98 -2.98 -13.09
C SER A 24 -6.03 -1.47 -13.42
N CYS A 25 -7.08 -0.73 -13.12
CA CYS A 25 -7.13 0.70 -13.40
C CYS A 25 -5.91 1.42 -12.75
N TRP A 26 -5.56 0.96 -11.54
CA TRP A 26 -4.43 1.54 -10.86
C TRP A 26 -3.16 1.44 -11.65
N ALA A 27 -2.97 0.31 -12.34
CA ALA A 27 -1.80 0.17 -13.14
C ALA A 27 -1.77 1.10 -14.38
N PHE A 28 -2.87 1.20 -15.07
CA PHE A 28 -2.92 2.10 -16.21
C PHE A 28 -2.67 3.54 -15.73
N SER A 29 -3.32 3.93 -14.63
CA SER A 29 -3.16 5.25 -14.08
C SER A 29 -1.68 5.50 -13.77
N SER A 30 -1.00 4.55 -13.07
CA SER A 30 0.40 4.69 -12.71
C SER A 30 1.27 4.79 -13.95
N VAL A 31 1.04 3.89 -14.92
CA VAL A 31 1.87 3.97 -16.08
C VAL A 31 1.63 5.31 -16.89
N GLY A 32 0.43 5.81 -16.95
CA GLY A 32 0.18 7.09 -17.65
C GLY A 32 0.95 8.25 -17.06
N ALA A 33 1.02 8.30 -15.73
CA ALA A 33 1.77 9.36 -15.03
C ALA A 33 3.18 9.13 -15.33
N LEU A 34 3.73 7.86 -15.29
CA LEU A 34 5.14 7.64 -15.61
C LEU A 34 5.50 7.98 -17.07
N GLU A 35 4.58 7.70 -18.01
CA GLU A 35 4.77 8.01 -19.44
C GLU A 35 4.99 9.52 -19.63
N GLY A 36 4.18 10.34 -18.94
CA GLY A 36 4.29 11.78 -19.05
C GLY A 36 5.61 12.30 -18.57
N GLN A 37 6.08 11.76 -17.44
CA GLN A 37 7.40 12.22 -16.96
C GLN A 37 8.51 11.72 -17.86
N LEU A 38 8.40 10.47 -18.37
CA LEU A 38 9.42 10.00 -19.28
C LEU A 38 9.60 10.96 -20.50
N LYS A 39 8.47 11.40 -21.09
CA LYS A 39 8.47 12.27 -22.27
C LYS A 39 9.18 13.59 -21.96
N LYS A 40 8.89 14.12 -20.78
CA LYS A 40 9.50 15.36 -20.32
C LYS A 40 10.97 15.20 -20.06
N LYS A 41 11.41 14.03 -19.60
CA LYS A 41 12.82 13.83 -19.30
C LYS A 41 13.72 13.50 -20.50
N THR A 42 13.20 12.68 -21.42
CA THR A 42 13.89 12.14 -22.59
C THR A 42 13.41 12.64 -23.92
N GLY A 43 12.23 13.27 -23.94
CA GLY A 43 11.67 13.73 -25.20
C GLY A 43 11.03 12.61 -25.99
N LYS A 44 10.99 11.38 -25.41
CA LYS A 44 10.38 10.25 -26.11
C LYS A 44 9.06 9.76 -25.45
N LEU A 45 7.98 9.57 -26.25
CA LEU A 45 6.69 9.07 -25.74
C LEU A 45 6.67 7.61 -26.14
N LEU A 46 6.51 6.70 -25.16
CA LEU A 46 6.34 5.32 -25.52
C LEU A 46 5.41 4.65 -24.50
N ASN A 47 4.90 3.47 -24.81
CA ASN A 47 3.98 2.75 -23.93
C ASN A 47 4.73 1.97 -22.81
N LEU A 48 4.39 2.22 -21.54
CA LEU A 48 5.05 1.45 -20.47
C LEU A 48 4.12 0.30 -20.08
N SER A 49 4.64 -0.75 -19.35
CA SER A 49 3.87 -1.90 -19.06
C SER A 49 2.95 -1.95 -17.81
N PRO A 50 1.65 -1.88 -17.96
CA PRO A 50 0.81 -1.97 -16.75
C PRO A 50 0.95 -3.45 -16.17
N GLN A 51 1.07 -4.42 -17.15
CA GLN A 51 1.14 -5.84 -16.72
C GLN A 51 2.35 -6.09 -15.78
N ASN A 52 3.46 -5.46 -16.09
CA ASN A 52 4.65 -5.55 -15.20
C ASN A 52 4.16 -5.14 -13.81
N LEU A 53 3.29 -4.08 -13.68
CA LEU A 53 2.81 -3.72 -12.34
C LEU A 53 1.86 -4.72 -11.72
N VAL A 54 0.86 -5.21 -12.52
CA VAL A 54 -0.15 -6.13 -11.98
C VAL A 54 0.55 -7.35 -11.41
N ASP A 55 1.53 -7.83 -12.18
CA ASP A 55 2.19 -9.10 -11.79
C ASP A 55 3.25 -8.90 -10.75
N CYS A 56 3.92 -7.75 -10.74
CA CYS A 56 5.06 -7.60 -9.83
C CYS A 56 4.87 -6.73 -8.58
N VAL A 57 3.82 -5.88 -8.55
CA VAL A 57 3.61 -5.03 -7.37
C VAL A 57 2.91 -5.78 -6.25
N SER A 58 3.81 -6.50 -5.44
CA SER A 58 3.32 -7.36 -4.38
C SER A 58 2.52 -6.63 -3.28
N GLU A 59 2.64 -5.28 -3.21
CA GLU A 59 1.80 -4.54 -2.23
C GLU A 59 0.38 -4.40 -2.65
N ASN A 60 0.14 -4.56 -3.99
CA ASN A 60 -1.23 -4.47 -4.49
C ASN A 60 -1.78 -5.85 -4.69
N ASP A 61 -3.00 -5.92 -5.23
CA ASP A 61 -3.66 -7.22 -5.38
C ASP A 61 -3.89 -7.63 -6.84
N GLY A 62 -3.03 -7.23 -7.74
CA GLY A 62 -3.21 -7.62 -9.13
C GLY A 62 -4.48 -7.13 -9.77
N CYS A 63 -5.30 -8.09 -10.28
CA CYS A 63 -6.57 -7.73 -10.89
C CYS A 63 -7.63 -7.43 -9.84
N GLY A 64 -7.31 -7.64 -8.56
CA GLY A 64 -8.25 -7.34 -7.49
C GLY A 64 -8.20 -5.88 -7.07
N GLY A 65 -7.22 -5.11 -7.53
CA GLY A 65 -7.19 -3.69 -7.09
C GLY A 65 -5.88 -3.32 -6.45
N GLY A 66 -5.65 -2.02 -6.39
CA GLY A 66 -4.40 -1.57 -5.83
C GLY A 66 -4.30 -0.06 -5.81
N TYR A 67 -3.18 0.43 -5.34
CA TYR A 67 -2.97 1.85 -5.28
C TYR A 67 -1.80 2.30 -6.10
N MET A 68 -1.87 3.49 -6.53
CA MET A 68 -0.81 4.03 -7.31
C MET A 68 0.52 4.30 -6.59
N THR A 69 0.46 4.72 -5.33
CA THR A 69 1.71 4.93 -4.66
C THR A 69 2.50 3.65 -4.59
N ASN A 70 1.87 2.52 -4.34
CA ASN A 70 2.58 1.27 -4.29
C ASN A 70 3.28 1.03 -5.58
N ALA A 71 2.62 1.42 -6.65
CA ALA A 71 3.27 1.23 -7.92
C ALA A 71 4.49 2.01 -8.12
N PHE A 72 4.48 3.34 -7.81
CA PHE A 72 5.68 4.11 -7.95
C PHE A 72 6.75 3.59 -7.01
N GLN A 73 6.39 3.04 -5.83
CA GLN A 73 7.43 2.55 -4.90
C GLN A 73 8.04 1.33 -5.49
N TYR A 74 7.24 0.46 -6.14
CA TYR A 74 7.85 -0.72 -6.74
C TYR A 74 8.88 -0.28 -7.85
N VAL A 75 8.51 0.65 -8.74
CA VAL A 75 9.45 1.07 -9.78
C VAL A 75 10.72 1.67 -9.17
N GLN A 76 10.59 2.32 -8.09
CA GLN A 76 11.75 2.84 -7.36
C GLN A 76 12.54 1.67 -6.79
N LYS A 77 11.99 0.79 -6.04
CA LYS A 77 12.75 -0.29 -5.42
C LYS A 77 13.36 -1.24 -6.46
N ASN A 78 12.66 -1.46 -7.57
CA ASN A 78 13.09 -2.40 -8.61
C ASN A 78 14.13 -1.81 -9.60
N ARG A 79 14.38 -0.47 -9.55
CA ARG A 79 15.30 0.17 -10.45
C ARG A 79 14.78 0.20 -11.89
N GLY A 80 13.47 0.10 -12.06
CA GLY A 80 12.93 0.11 -13.43
C GLY A 80 11.57 -0.50 -13.64
N ILE A 81 10.94 -0.05 -14.74
CA ILE A 81 9.70 -0.64 -15.21
C ILE A 81 9.95 -0.95 -16.70
N ASP A 82 9.39 -2.04 -17.17
CA ASP A 82 9.53 -2.40 -18.57
C ASP A 82 8.58 -1.65 -19.51
N SER A 83 9.02 -1.62 -20.82
CA SER A 83 8.11 -1.12 -21.86
C SER A 83 6.98 -2.17 -22.08
N GLU A 84 5.89 -1.74 -22.73
CA GLU A 84 4.79 -2.64 -23.08
C GLU A 84 5.27 -3.72 -24.02
N ASP A 85 6.10 -3.36 -24.97
CA ASP A 85 6.58 -4.34 -25.92
C ASP A 85 7.42 -5.45 -25.25
N ALA A 86 8.14 -5.12 -24.16
CA ALA A 86 8.95 -6.10 -23.44
C ALA A 86 8.19 -6.92 -22.42
N TYR A 87 6.94 -6.48 -22.09
CA TYR A 87 6.01 -7.06 -21.11
C TYR A 87 4.61 -6.68 -21.48
N PRO A 88 3.98 -7.37 -22.49
CA PRO A 88 2.59 -7.06 -22.92
C PRO A 88 1.48 -7.27 -21.97
N TYR A 89 0.39 -6.55 -22.21
CA TYR A 89 -0.80 -6.72 -21.38
C TYR A 89 -1.62 -7.95 -21.70
N VAL A 90 -1.86 -8.78 -20.72
CA VAL A 90 -2.68 -9.98 -20.91
C VAL A 90 -3.97 -9.92 -20.17
N GLY A 91 -4.16 -9.05 -19.16
CA GLY A 91 -5.47 -8.98 -18.57
C GLY A 91 -5.81 -9.97 -17.48
N GLN A 92 -4.83 -10.72 -17.05
CA GLN A 92 -5.03 -11.64 -15.95
C GLN A 92 -3.72 -11.50 -15.15
N GLU A 93 -3.74 -11.79 -13.85
CA GLU A 93 -2.50 -11.71 -13.11
C GLU A 93 -1.71 -12.99 -13.37
N GLU A 94 -0.44 -12.84 -13.50
CA GLU A 94 0.53 -13.93 -13.72
C GLU A 94 1.77 -13.67 -12.91
N SER A 95 2.66 -14.65 -12.80
CA SER A 95 3.86 -14.44 -12.01
C SER A 95 4.77 -13.35 -12.58
N CYS A 96 5.62 -12.79 -11.72
CA CYS A 96 6.53 -11.75 -12.20
C CYS A 96 7.51 -12.15 -13.32
N MET A 97 7.51 -11.39 -14.42
CA MET A 97 8.43 -11.75 -15.47
C MET A 97 9.26 -10.54 -15.89
N TYR A 98 9.52 -9.67 -14.92
CA TYR A 98 10.28 -8.49 -15.16
C TYR A 98 11.62 -8.78 -15.79
N ASN A 99 11.90 -8.04 -16.85
CA ASN A 99 13.14 -8.19 -17.60
C ASN A 99 13.97 -6.86 -17.65
N PRO A 100 15.11 -6.86 -16.93
CA PRO A 100 15.99 -5.69 -16.89
C PRO A 100 16.42 -5.18 -18.27
N THR A 101 16.55 -6.09 -19.26
CA THR A 101 16.94 -5.69 -20.61
C THR A 101 15.87 -4.80 -21.30
N GLY A 102 14.64 -4.94 -20.83
CA GLY A 102 13.52 -4.22 -21.40
C GLY A 102 13.19 -2.93 -20.69
N LYS A 103 14.00 -2.57 -19.68
CA LYS A 103 13.74 -1.36 -18.89
C LYS A 103 13.64 -0.09 -19.71
N ALA A 104 12.52 0.62 -19.54
CA ALA A 104 12.23 1.83 -20.31
C ALA A 104 12.14 3.09 -19.46
N ALA A 105 12.03 2.94 -18.14
CA ALA A 105 11.93 4.15 -17.28
C ALA A 105 12.26 3.80 -15.86
N LYS A 106 12.70 4.83 -15.11
CA LYS A 106 13.03 4.68 -13.70
C LYS A 106 12.16 5.67 -12.90
N CYS A 107 12.23 5.57 -11.57
CA CYS A 107 11.43 6.42 -10.69
C CYS A 107 12.19 6.68 -9.41
N ARG A 108 12.30 7.96 -8.98
CA ARG A 108 12.98 8.20 -7.71
C ARG A 108 12.03 8.57 -6.57
N GLY A 109 10.82 8.03 -6.58
CA GLY A 109 9.89 8.31 -5.49
C GLY A 109 8.62 8.89 -6.04
N TYR A 110 7.85 9.43 -5.16
CA TYR A 110 6.58 10.04 -5.53
C TYR A 110 6.23 11.17 -4.61
N ARG A 111 5.26 11.95 -5.08
CA ARG A 111 4.68 13.05 -4.33
C ARG A 111 3.21 13.01 -4.31
N GLU A 112 2.61 13.16 -3.12
CA GLU A 112 1.16 13.09 -2.99
C GLU A 112 0.55 14.43 -2.96
N ILE A 113 -0.54 14.59 -3.62
CA ILE A 113 -1.24 15.90 -3.56
C ILE A 113 -2.03 15.94 -2.24
N PRO A 114 -2.00 17.08 -1.53
CA PRO A 114 -2.76 17.18 -0.27
C PRO A 114 -4.22 16.88 -0.50
N GLU A 115 -4.82 16.17 0.45
CA GLU A 115 -6.17 15.71 0.30
C GLU A 115 -7.21 16.76 0.11
N GLY A 116 -7.91 16.61 -1.01
CA GLY A 116 -9.01 17.46 -1.38
C GLY A 116 -8.58 18.76 -2.01
N ASN A 117 -7.29 18.96 -2.20
CA ASN A 117 -6.85 20.27 -2.72
C ASN A 117 -6.76 20.34 -4.24
N GLU A 118 -7.83 20.93 -4.84
CA GLU A 118 -7.91 21.06 -6.29
C GLU A 118 -6.98 22.06 -6.80
N LYS A 119 -6.67 23.11 -5.98
CA LYS A 119 -5.74 24.01 -6.49
C LYS A 119 -4.38 23.41 -6.59
N ALA A 120 -4.00 22.57 -5.61
CA ALA A 120 -2.73 21.89 -5.72
C ALA A 120 -2.64 20.85 -6.92
N LEU A 121 -3.74 20.18 -7.20
CA LEU A 121 -3.82 19.21 -8.30
C LEU A 121 -3.62 20.02 -9.59
N LYS A 122 -4.31 21.20 -9.64
CA LYS A 122 -4.23 22.08 -10.79
C LYS A 122 -2.78 22.51 -11.05
N ARG A 123 -2.06 22.97 -9.99
CA ARG A 123 -0.69 23.35 -10.17
C ARG A 123 0.22 22.19 -10.61
N ALA A 124 -0.01 21.00 -10.04
CA ALA A 124 0.78 19.87 -10.39
C ALA A 124 0.58 19.51 -11.87
N VAL A 125 -0.67 19.50 -12.31
CA VAL A 125 -0.90 19.17 -13.72
C VAL A 125 -0.15 20.18 -14.61
N ALA A 126 -0.21 21.45 -14.21
CA ALA A 126 0.48 22.45 -15.02
C ALA A 126 1.99 22.40 -15.03
N ARG A 127 2.63 22.16 -13.88
CA ARG A 127 4.06 22.21 -13.86
C ARG A 127 4.83 20.93 -13.88
N VAL A 128 4.17 19.86 -13.51
CA VAL A 128 4.79 18.54 -13.51
C VAL A 128 4.35 17.75 -14.74
N GLY A 129 3.07 17.57 -14.92
CA GLY A 129 2.56 16.81 -16.07
C GLY A 129 1.33 16.03 -15.64
N PRO A 130 0.96 14.97 -16.43
CA PRO A 130 -0.23 14.20 -16.03
C PRO A 130 -0.25 13.68 -14.58
N VAL A 131 -1.26 13.71 -13.85
CA VAL A 131 -1.28 13.19 -12.48
C VAL A 131 -2.23 12.03 -12.29
N SER A 132 -1.78 10.99 -11.56
CA SER A 132 -2.73 9.92 -11.26
C SER A 132 -3.72 10.39 -10.23
N VAL A 133 -5.04 10.10 -10.43
CA VAL A 133 -6.05 10.51 -9.44
C VAL A 133 -7.05 9.39 -9.19
N ALA A 134 -7.66 9.34 -8.03
CA ALA A 134 -8.70 8.33 -7.76
C ALA A 134 -10.06 9.06 -7.73
N ILE A 135 -11.12 8.33 -8.12
CA ILE A 135 -12.48 8.90 -8.13
C ILE A 135 -13.47 7.89 -7.87
N ASP A 136 -14.69 8.39 -7.62
CA ASP A 136 -15.82 7.49 -7.49
C ASP A 136 -16.40 7.38 -8.88
N ALA A 137 -16.24 6.20 -9.52
CA ALA A 137 -16.72 5.95 -10.88
C ALA A 137 -17.86 4.95 -10.80
N SER A 138 -18.55 4.91 -9.64
CA SER A 138 -19.58 3.91 -9.46
C SER A 138 -20.96 4.24 -9.98
N LEU A 139 -21.21 5.48 -10.37
CA LEU A 139 -22.58 5.75 -10.81
C LEU A 139 -22.84 5.43 -12.27
N THR A 140 -24.13 5.15 -12.61
CA THR A 140 -24.50 4.87 -13.98
C THR A 140 -24.23 6.06 -14.86
N SER A 141 -24.44 7.30 -14.34
CA SER A 141 -24.16 8.48 -15.14
C SER A 141 -22.73 8.53 -15.63
N PHE A 142 -21.77 8.11 -14.78
CA PHE A 142 -20.36 8.11 -15.17
C PHE A 142 -20.17 7.06 -16.23
N GLN A 143 -20.73 5.85 -16.02
CA GLN A 143 -20.61 4.80 -17.03
C GLN A 143 -21.08 5.23 -18.41
N PHE A 144 -22.19 5.97 -18.45
CA PHE A 144 -22.77 6.37 -19.70
C PHE A 144 -22.39 7.70 -20.22
N TYR A 145 -21.47 8.40 -19.54
CA TYR A 145 -21.03 9.70 -20.02
C TYR A 145 -20.68 9.77 -21.53
N SER A 146 -21.11 10.84 -22.28
CA SER A 146 -20.68 11.03 -23.67
C SER A 146 -20.02 12.38 -24.00
N LYS A 147 -20.53 13.50 -23.46
CA LYS A 147 -19.95 14.80 -23.77
C LYS A 147 -20.29 15.82 -22.68
N GLY A 148 -19.66 17.00 -22.70
CA GLY A 148 -19.95 17.98 -21.68
C GLY A 148 -19.08 17.80 -20.46
N VAL A 149 -19.40 18.57 -19.41
CA VAL A 149 -18.63 18.47 -18.20
C VAL A 149 -19.38 17.63 -17.20
N TYR A 150 -18.83 16.45 -16.88
CA TYR A 150 -19.49 15.58 -15.92
C TYR A 150 -19.55 16.12 -14.52
N TYR A 151 -20.78 16.14 -14.00
CA TYR A 151 -21.02 16.56 -12.65
C TYR A 151 -22.25 15.83 -12.14
N ASP A 152 -22.12 15.23 -10.98
CA ASP A 152 -23.19 14.45 -10.32
C ASP A 152 -23.09 14.51 -8.81
N GLU A 153 -24.20 14.91 -8.16
CA GLU A 153 -24.15 15.06 -6.72
C GLU A 153 -24.15 13.79 -5.90
N SER A 154 -24.47 12.65 -6.51
CA SER A 154 -24.47 11.42 -5.77
C SER A 154 -23.12 10.77 -5.90
N CYS A 155 -22.20 11.43 -6.61
CA CYS A 155 -20.84 10.89 -6.63
C CYS A 155 -20.36 11.07 -5.18
N ASN A 156 -19.85 9.98 -4.55
CA ASN A 156 -19.40 10.02 -3.18
C ASN A 156 -17.86 10.19 -3.13
N SER A 157 -17.36 11.36 -2.71
CA SER A 157 -15.93 11.59 -2.67
C SER A 157 -15.23 10.74 -1.63
N ASP A 158 -16.01 10.04 -0.80
CA ASP A 158 -15.52 9.15 0.26
C ASP A 158 -15.60 7.67 -0.18
N ASN A 159 -16.00 7.46 -1.42
CA ASN A 159 -16.11 6.11 -1.97
C ASN A 159 -15.21 6.00 -3.19
N LEU A 160 -13.92 6.11 -2.98
CA LEU A 160 -13.01 6.02 -4.10
C LEU A 160 -12.89 4.58 -4.60
N ASN A 161 -12.97 4.40 -5.91
CA ASN A 161 -12.95 3.05 -6.42
C ASN A 161 -12.34 2.84 -7.77
N HIS A 162 -11.89 3.90 -8.41
CA HIS A 162 -11.34 3.75 -9.74
C HIS A 162 -10.15 4.71 -9.89
N ALA A 163 -9.19 4.39 -10.67
CA ALA A 163 -8.03 5.23 -10.83
C ALA A 163 -7.95 5.60 -12.29
N VAL A 164 -7.73 6.90 -12.53
CA VAL A 164 -7.63 7.48 -13.85
C VAL A 164 -6.47 8.43 -13.94
N LEU A 165 -6.38 9.14 -15.04
CA LEU A 165 -5.25 10.04 -15.26
C LEU A 165 -5.69 11.46 -15.61
N ALA A 166 -5.28 12.49 -14.83
CA ALA A 166 -5.71 13.87 -15.10
C ALA A 166 -4.62 14.35 -16.08
N VAL A 167 -5.02 14.62 -17.35
CA VAL A 167 -4.10 15.05 -18.37
C VAL A 167 -4.24 16.54 -18.76
N GLY A 168 -5.00 17.25 -18.02
CA GLY A 168 -5.16 18.66 -18.34
C GLY A 168 -6.35 19.17 -17.61
N TYR A 169 -6.63 20.48 -17.90
CA TYR A 169 -7.79 21.13 -17.33
C TYR A 169 -8.17 22.31 -18.21
N GLY A 170 -9.35 22.80 -18.02
CA GLY A 170 -9.75 23.97 -18.76
C GLY A 170 -11.14 24.35 -18.42
N ILE A 171 -11.84 24.89 -19.47
CA ILE A 171 -13.20 25.29 -19.29
C ILE A 171 -13.98 25.11 -20.58
N GLN A 172 -15.20 24.69 -20.43
CA GLN A 172 -16.11 24.43 -21.55
C GLN A 172 -17.45 25.10 -21.25
N LYS A 173 -17.77 26.16 -22.04
CA LYS A 173 -18.98 26.94 -21.88
C LYS A 173 -19.22 27.38 -20.44
N GLY A 174 -18.17 28.00 -19.81
CA GLY A 174 -18.29 28.43 -18.43
C GLY A 174 -18.19 27.39 -17.33
N ASN A 175 -17.90 26.12 -17.71
CA ASN A 175 -17.79 25.04 -16.74
C ASN A 175 -16.38 24.61 -16.69
N LYS A 176 -15.75 24.79 -15.54
CA LYS A 176 -14.37 24.44 -15.43
C LYS A 176 -14.28 22.91 -15.34
N HIS A 177 -13.21 22.31 -15.94
CA HIS A 177 -13.17 20.85 -15.78
C HIS A 177 -11.80 20.37 -15.67
N TRP A 178 -11.72 19.03 -15.51
CA TRP A 178 -10.49 18.29 -15.50
C TRP A 178 -10.57 17.39 -16.75
N ILE A 179 -9.52 17.31 -17.51
CA ILE A 179 -9.47 16.41 -18.67
C ILE A 179 -8.91 15.08 -18.18
N ILE A 180 -9.77 14.06 -18.18
CA ILE A 180 -9.37 12.75 -17.67
C ILE A 180 -9.27 11.63 -18.72
N LYS A 181 -8.18 10.85 -18.67
CA LYS A 181 -7.98 9.69 -19.56
C LYS A 181 -8.36 8.39 -18.78
N ASN A 182 -9.31 7.61 -19.29
CA ASN A 182 -9.77 6.43 -18.59
C ASN A 182 -9.07 5.20 -19.27
N SER A 183 -9.30 3.99 -18.74
CA SER A 183 -8.69 2.74 -19.17
C SER A 183 -9.82 1.74 -19.58
N TRP A 184 -10.98 2.28 -20.07
CA TRP A 184 -12.19 1.47 -20.48
C TRP A 184 -12.31 1.37 -21.97
N GLY A 185 -11.25 1.56 -22.70
CA GLY A 185 -11.28 1.45 -24.15
C GLY A 185 -11.56 2.77 -24.85
N GLU A 186 -11.32 2.79 -26.18
CA GLU A 186 -11.53 4.01 -26.95
C GLU A 186 -13.01 4.37 -27.28
N ASN A 187 -13.99 3.50 -26.92
CA ASN A 187 -15.38 3.82 -27.15
C ASN A 187 -16.14 4.40 -25.98
N TRP A 188 -15.69 4.18 -24.73
CA TRP A 188 -16.36 4.70 -23.58
C TRP A 188 -16.20 6.19 -23.62
N GLY A 189 -17.14 6.91 -22.99
CA GLY A 189 -17.06 8.36 -22.90
C GLY A 189 -16.77 8.97 -24.24
N ASN A 190 -15.94 9.98 -24.24
CA ASN A 190 -15.56 10.66 -25.47
C ASN A 190 -14.21 10.22 -25.99
N LYS A 191 -14.25 9.11 -26.78
CA LYS A 191 -13.04 8.51 -27.33
C LYS A 191 -12.13 8.10 -26.16
N GLY A 192 -12.71 7.64 -25.07
CA GLY A 192 -11.89 7.18 -23.97
C GLY A 192 -11.67 8.19 -22.86
N TYR A 193 -12.04 9.45 -23.12
CA TYR A 193 -11.85 10.56 -22.16
C TYR A 193 -13.16 11.07 -21.57
N ILE A 194 -13.14 11.66 -20.37
CA ILE A 194 -14.28 12.28 -19.70
C ILE A 194 -13.78 13.67 -19.14
N LEU A 195 -14.64 14.72 -19.26
CA LEU A 195 -14.32 16.04 -18.67
C LEU A 195 -15.06 16.02 -17.38
N MET A 196 -14.36 16.19 -16.25
CA MET A 196 -15.01 16.08 -14.97
C MET A 196 -15.02 17.46 -14.32
N ALA A 197 -16.09 17.75 -13.57
CA ALA A 197 -16.24 19.07 -12.96
C ALA A 197 -15.07 19.49 -12.05
N ARG A 198 -14.50 20.67 -12.30
CA ARG A 198 -13.36 21.23 -11.57
C ARG A 198 -13.83 22.41 -10.73
N ASN A 199 -13.25 22.56 -9.54
CA ASN A 199 -13.63 23.59 -8.58
C ASN A 199 -15.10 23.52 -8.18
N LYS A 200 -15.68 22.32 -8.18
CA LYS A 200 -17.08 22.14 -7.76
C LYS A 200 -17.11 21.26 -6.52
N ASN A 201 -16.44 21.72 -5.45
CA ASN A 201 -16.34 20.99 -4.19
C ASN A 201 -15.75 19.59 -4.31
N ASN A 202 -14.64 19.44 -5.07
CA ASN A 202 -13.99 18.11 -5.15
C ASN A 202 -14.91 16.98 -5.56
N ALA A 203 -15.60 17.23 -6.66
CA ALA A 203 -16.54 16.33 -7.26
C ALA A 203 -15.90 14.99 -7.61
N CYS A 204 -16.53 13.90 -7.17
CA CYS A 204 -16.07 12.55 -7.42
C CYS A 204 -14.82 12.33 -6.68
N GLY A 205 -14.53 13.16 -5.69
CA GLY A 205 -13.28 13.00 -4.97
C GLY A 205 -11.98 13.10 -5.75
N ILE A 206 -11.99 13.77 -6.93
CA ILE A 206 -10.84 13.95 -7.84
C ILE A 206 -9.49 14.33 -7.24
N ALA A 207 -9.51 15.11 -6.15
CA ALA A 207 -8.27 15.51 -5.50
C ALA A 207 -8.02 14.82 -4.17
N ASN A 208 -8.75 13.71 -3.83
CA ASN A 208 -8.58 12.98 -2.54
C ASN A 208 -7.41 11.97 -2.45
N LEU A 209 -6.91 11.46 -3.56
CA LEU A 209 -5.79 10.51 -3.50
C LEU A 209 -5.05 10.62 -4.85
N ALA A 210 -4.53 11.81 -5.12
CA ALA A 210 -3.82 12.10 -6.37
C ALA A 210 -2.32 12.01 -6.10
N SER A 211 -1.48 11.59 -7.04
CA SER A 211 -0.05 11.55 -6.76
C SER A 211 0.70 11.44 -8.05
N PHE A 212 1.99 11.72 -8.06
CA PHE A 212 2.70 11.56 -9.31
C PHE A 212 4.09 11.07 -9.06
N PRO A 213 4.73 10.54 -10.08
CA PRO A 213 6.06 10.08 -9.77
C PRO A 213 7.17 11.08 -10.01
N LYS A 214 8.27 10.91 -9.29
CA LYS A 214 9.47 11.73 -9.45
C LYS A 214 10.45 11.00 -10.39
N MET A 215 11.10 11.72 -11.30
CA MET A 215 12.00 11.08 -12.26
C MET A 215 13.24 11.91 -12.57
N ALA B 1 16.65 -25.09 9.65
CA ALA B 1 16.46 -24.13 10.77
C ALA B 1 16.22 -24.97 12.02
N PRO B 2 16.35 -24.45 13.25
CA PRO B 2 16.10 -25.31 14.39
C PRO B 2 14.68 -25.85 14.43
N ASP B 3 14.44 -26.82 15.34
CA ASP B 3 13.06 -27.34 15.41
C ASP B 3 12.12 -26.35 16.11
N SER B 4 12.64 -25.54 17.03
CA SER B 4 11.90 -24.55 17.78
C SER B 4 12.74 -23.29 17.96
N VAL B 5 12.10 -22.09 17.96
CA VAL B 5 12.77 -20.78 18.10
C VAL B 5 11.81 -19.94 18.90
N ASP B 6 12.32 -19.19 19.85
CA ASP B 6 11.49 -18.32 20.63
C ASP B 6 12.30 -17.09 20.95
N TYR B 7 12.05 -15.99 20.18
CA TYR B 7 12.84 -14.79 20.44
C TYR B 7 12.54 -14.09 21.74
N ARG B 8 11.48 -14.45 22.49
CA ARG B 8 11.29 -13.80 23.77
C ARG B 8 12.43 -14.17 24.69
N LYS B 9 13.02 -15.35 24.44
CA LYS B 9 14.13 -15.83 25.28
C LYS B 9 15.44 -15.16 25.00
N LYS B 10 15.53 -14.49 23.85
CA LYS B 10 16.74 -13.82 23.42
C LYS B 10 16.70 -12.31 23.69
N GLY B 11 15.57 -11.87 24.23
CA GLY B 11 15.38 -10.48 24.55
C GLY B 11 15.13 -9.56 23.36
N TYR B 12 14.44 -10.10 22.37
CA TYR B 12 14.13 -9.32 21.14
C TYR B 12 12.75 -8.81 21.17
N VAL B 13 11.95 -9.10 22.20
CA VAL B 13 10.54 -8.73 22.20
C VAL B 13 10.11 -7.84 23.37
N THR B 14 9.46 -6.70 23.14
CA THR B 14 9.01 -5.82 24.23
C THR B 14 7.72 -6.35 24.88
N PRO B 15 7.27 -5.73 26.00
CA PRO B 15 6.04 -6.23 26.62
C PRO B 15 4.88 -6.09 25.66
N VAL B 16 3.80 -6.87 25.85
CA VAL B 16 2.60 -6.83 25.02
C VAL B 16 1.87 -5.48 25.20
N LYS B 17 1.41 -4.84 24.12
CA LYS B 17 0.77 -3.54 24.27
C LYS B 17 -0.69 -3.69 24.00
N ASN B 18 -1.42 -2.61 24.20
CA ASN B 18 -2.86 -2.62 23.95
C ASN B 18 -3.24 -1.48 23.00
N GLN B 19 -3.62 -1.83 21.77
CA GLN B 19 -3.96 -0.81 20.80
C GLN B 19 -5.20 -0.05 21.21
N GLY B 20 -5.99 -0.64 22.14
CA GLY B 20 -7.23 0.04 22.56
C GLY B 20 -8.30 0.11 21.49
N GLN B 21 -9.00 1.30 21.33
CA GLN B 21 -10.08 1.37 20.33
C GLN B 21 -9.64 1.79 18.93
N CYS B 22 -8.33 1.95 18.70
CA CYS B 22 -7.80 2.36 17.42
C CYS B 22 -7.41 1.12 16.58
N GLY B 23 -7.74 1.08 15.28
CA GLY B 23 -7.35 -0.05 14.42
C GLY B 23 -5.88 0.09 14.02
N SER B 24 -5.00 0.10 15.02
CA SER B 24 -3.58 0.33 14.82
C SER B 24 -2.72 -0.93 14.92
N CYS B 25 -3.36 -2.11 14.87
CA CYS B 25 -2.60 -3.41 14.89
C CYS B 25 -1.39 -3.34 13.95
N TRP B 26 -1.61 -2.82 12.72
CA TRP B 26 -0.50 -2.71 11.74
C TRP B 26 0.66 -1.94 12.26
N ALA B 27 0.42 -0.92 13.11
CA ALA B 27 1.49 -0.13 13.64
C ALA B 27 2.24 -0.90 14.74
N PHE B 28 1.50 -1.55 15.62
CA PHE B 28 2.15 -2.38 16.64
C PHE B 28 2.92 -3.53 15.99
N SER B 29 2.39 -4.14 14.98
CA SER B 29 3.09 -5.25 14.30
C SER B 29 4.39 -4.70 13.68
N SER B 30 4.32 -3.52 13.07
CA SER B 30 5.50 -2.94 12.42
C SER B 30 6.53 -2.52 13.40
N VAL B 31 6.12 -1.96 14.54
CA VAL B 31 7.10 -1.58 15.54
C VAL B 31 7.69 -2.83 16.15
N GLY B 32 6.92 -3.90 16.38
CA GLY B 32 7.49 -5.13 16.93
C GLY B 32 8.61 -5.64 16.08
N ALA B 33 8.38 -5.56 14.77
CA ALA B 33 9.41 -6.14 13.93
C ALA B 33 10.66 -5.20 13.90
N LEU B 34 10.43 -3.91 13.93
CA LEU B 34 11.57 -3.04 13.98
C LEU B 34 12.30 -3.18 15.32
N GLU B 35 11.59 -3.32 16.42
CA GLU B 35 12.26 -3.45 17.73
C GLU B 35 13.20 -4.67 17.69
N GLY B 36 12.71 -5.80 17.09
CA GLY B 36 13.48 -7.05 17.04
C GLY B 36 14.76 -6.85 16.26
N GLN B 37 14.69 -6.10 15.13
CA GLN B 37 15.90 -5.90 14.33
C GLN B 37 16.85 -4.91 15.04
N LEU B 38 16.33 -3.95 15.77
CA LEU B 38 17.19 -3.04 16.51
C LEU B 38 17.91 -3.78 17.61
N LYS B 39 17.24 -4.74 18.32
CA LYS B 39 17.95 -5.55 19.35
C LYS B 39 19.02 -6.41 18.67
N LYS B 40 18.68 -6.98 17.54
CA LYS B 40 19.70 -7.82 16.88
C LYS B 40 20.95 -7.03 16.48
N LYS B 41 20.72 -5.81 15.93
CA LYS B 41 21.82 -4.98 15.42
C LYS B 41 22.62 -4.19 16.42
N THR B 42 22.03 -3.86 17.56
CA THR B 42 22.73 -3.00 18.53
C THR B 42 22.89 -3.65 19.89
N GLY B 43 22.06 -4.63 20.20
CA GLY B 43 22.15 -5.22 21.53
C GLY B 43 21.13 -4.62 22.47
N LYS B 44 20.49 -3.49 22.07
CA LYS B 44 19.54 -2.87 22.92
C LYS B 44 18.08 -3.06 22.50
N LEU B 45 17.19 -3.33 23.49
CA LEU B 45 15.74 -3.52 23.26
C LEU B 45 15.12 -2.21 23.71
N LEU B 46 14.32 -1.55 22.83
CA LEU B 46 13.69 -0.29 23.19
C LEU B 46 12.26 -0.28 22.66
N ASN B 47 11.28 0.44 23.30
CA ASN B 47 9.95 0.52 22.74
C ASN B 47 10.03 1.67 21.69
N LEU B 48 9.54 1.33 20.49
CA LEU B 48 9.46 2.31 19.45
C LEU B 48 8.02 2.81 19.38
N SER B 49 7.78 3.90 18.65
CA SER B 49 6.45 4.56 18.62
C SER B 49 5.37 4.12 17.61
N PRO B 50 4.33 3.39 18.02
CA PRO B 50 3.31 3.01 17.04
C PRO B 50 2.55 4.32 16.67
N GLN B 51 2.37 5.28 17.64
CA GLN B 51 1.66 6.56 17.40
C GLN B 51 2.29 7.31 16.26
N ASN B 52 3.64 7.31 16.20
CA ASN B 52 4.35 7.96 15.14
C ASN B 52 3.90 7.42 13.78
N LEU B 53 3.72 6.11 13.69
CA LEU B 53 3.26 5.52 12.46
C LEU B 53 1.78 5.86 12.26
N VAL B 54 0.96 5.69 13.28
CA VAL B 54 -0.44 6.03 13.14
C VAL B 54 -0.63 7.44 12.62
N ASP B 55 0.07 8.43 13.15
CA ASP B 55 -0.18 9.81 12.65
C ASP B 55 0.53 10.16 11.37
N CYS B 56 1.66 9.52 11.06
CA CYS B 56 2.47 9.96 9.93
C CYS B 56 2.54 9.11 8.66
N VAL B 57 2.06 7.87 8.69
CA VAL B 57 2.12 7.05 7.46
C VAL B 57 0.93 7.34 6.61
N SER B 58 1.11 8.36 5.74
CA SER B 58 0.03 8.83 4.90
C SER B 58 -0.53 7.76 3.95
N GLU B 59 0.26 6.68 3.63
CA GLU B 59 -0.32 5.60 2.78
C GLU B 59 -1.31 4.78 3.54
N ASN B 60 -1.30 4.81 4.90
CA ASN B 60 -2.24 4.03 5.65
C ASN B 60 -3.38 4.89 6.07
N ASP B 61 -4.35 4.34 6.77
CA ASP B 61 -5.49 5.15 7.21
C ASP B 61 -5.56 5.34 8.68
N GLY B 62 -4.40 5.44 9.34
CA GLY B 62 -4.41 5.69 10.77
C GLY B 62 -5.13 4.64 11.57
N CYS B 63 -6.12 5.09 12.38
CA CYS B 63 -6.89 4.17 13.22
C CYS B 63 -7.87 3.43 12.39
N GLY B 64 -7.97 3.81 11.12
CA GLY B 64 -8.87 3.11 10.23
C GLY B 64 -8.26 1.84 9.67
N GLY B 65 -6.95 1.65 9.88
CA GLY B 65 -6.33 0.45 9.33
C GLY B 65 -5.20 0.74 8.39
N GLY B 66 -4.44 -0.30 8.11
CA GLY B 66 -3.32 -0.14 7.24
C GLY B 66 -2.44 -1.37 7.11
N TYR B 67 -1.31 -1.23 6.41
CA TYR B 67 -0.36 -2.36 6.20
C TYR B 67 0.97 -2.06 6.74
N MET B 68 1.68 -3.13 7.13
CA MET B 68 3.00 -2.97 7.69
C MET B 68 3.98 -2.52 6.63
N THR B 69 3.88 -2.99 5.40
CA THR B 69 4.82 -2.57 4.36
C THR B 69 4.81 -1.04 4.20
N ASN B 70 3.67 -0.43 4.18
CA ASN B 70 3.63 1.03 4.06
C ASN B 70 4.36 1.68 5.26
N ALA B 71 4.24 1.05 6.44
CA ALA B 71 4.93 1.66 7.60
C ALA B 71 6.44 1.61 7.46
N PHE B 72 6.99 0.46 7.01
CA PHE B 72 8.46 0.33 6.83
C PHE B 72 8.94 1.33 5.77
N GLN B 73 8.15 1.50 4.73
CA GLN B 73 8.47 2.45 3.69
C GLN B 73 8.49 3.90 4.27
N TYR B 74 7.59 4.28 5.16
CA TYR B 74 7.60 5.61 5.73
C TYR B 74 8.84 5.74 6.56
N VAL B 75 9.20 4.69 7.41
CA VAL B 75 10.40 4.91 8.24
C VAL B 75 11.63 5.10 7.36
N GLN B 76 11.74 4.27 6.28
CA GLN B 76 12.81 4.42 5.30
C GLN B 76 12.84 5.87 4.65
N LYS B 77 11.72 6.33 4.14
CA LYS B 77 11.66 7.65 3.52
C LYS B 77 11.89 8.81 4.51
N ASN B 78 11.34 8.68 5.68
CA ASN B 78 11.36 9.63 6.81
C ASN B 78 12.78 9.72 7.43
N ARG B 79 13.63 8.70 7.15
CA ARG B 79 14.98 8.56 7.71
C ARG B 79 14.92 8.34 9.23
N GLY B 80 13.80 7.79 9.70
CA GLY B 80 13.72 7.43 11.10
C GLY B 80 12.37 7.29 11.74
N ILE B 81 12.31 6.65 12.91
CA ILE B 81 11.13 6.50 13.69
C ILE B 81 11.47 6.85 15.11
N ASP B 82 10.61 7.58 15.78
CA ASP B 82 10.83 7.87 17.19
C ASP B 82 10.61 6.70 18.20
N SER B 83 11.23 6.88 19.38
CA SER B 83 10.98 5.97 20.48
C SER B 83 9.61 6.31 21.02
N GLU B 84 8.98 5.37 21.70
CA GLU B 84 7.70 5.55 22.36
C GLU B 84 7.81 6.73 23.31
N ASP B 85 8.97 6.84 23.99
CA ASP B 85 9.18 7.92 24.96
C ASP B 85 9.11 9.31 24.33
N ALA B 86 9.59 9.46 23.10
CA ALA B 86 9.53 10.76 22.40
C ALA B 86 8.23 11.03 21.68
N TYR B 87 7.43 9.98 21.43
CA TYR B 87 6.15 10.09 20.72
C TYR B 87 5.18 9.00 21.26
N PRO B 88 4.63 9.30 22.44
CA PRO B 88 3.71 8.36 23.11
C PRO B 88 2.45 7.96 22.45
N TYR B 89 2.00 6.74 22.81
CA TYR B 89 0.78 6.21 22.25
C TYR B 89 -0.47 6.80 22.92
N VAL B 90 -1.37 7.36 22.14
CA VAL B 90 -2.61 7.92 22.69
C VAL B 90 -3.85 7.19 22.28
N GLY B 91 -3.82 6.44 21.16
CA GLY B 91 -5.02 5.69 20.78
C GLY B 91 -5.98 6.40 19.87
N GLN B 92 -5.58 7.53 19.34
CA GLN B 92 -6.39 8.30 18.41
C GLN B 92 -5.48 8.96 17.41
N GLU B 93 -5.90 9.09 16.13
CA GLU B 93 -5.01 9.70 15.18
C GLU B 93 -4.93 11.18 15.44
N GLU B 94 -3.74 11.74 15.38
CA GLU B 94 -3.58 13.19 15.56
C GLU B 94 -2.70 13.67 14.43
N SER B 95 -2.34 14.96 14.43
CA SER B 95 -1.49 15.43 13.36
C SER B 95 -0.11 14.89 13.53
N CYS B 96 0.65 14.87 12.46
CA CYS B 96 1.99 14.33 12.54
C CYS B 96 2.92 15.21 13.36
N MET B 97 3.40 14.69 14.47
CA MET B 97 4.37 15.40 15.32
C MET B 97 5.71 14.63 15.47
N TYR B 98 6.22 14.13 14.37
CA TYR B 98 7.52 13.49 14.38
C TYR B 98 8.61 14.39 14.89
N ASN B 99 9.43 13.88 15.81
CA ASN B 99 10.50 14.66 16.35
C ASN B 99 11.81 14.03 15.98
N PRO B 100 12.58 14.61 15.07
CA PRO B 100 13.85 14.03 14.67
C PRO B 100 14.80 13.70 15.80
N THR B 101 14.80 14.59 16.79
CA THR B 101 15.63 14.47 17.99
C THR B 101 15.42 13.14 18.68
N GLY B 102 14.16 12.64 18.67
CA GLY B 102 13.90 11.36 19.34
C GLY B 102 14.01 10.09 18.50
N LYS B 103 14.54 10.22 17.27
CA LYS B 103 14.67 9.01 16.41
C LYS B 103 15.55 8.02 17.05
N ALA B 104 15.02 6.80 17.09
CA ALA B 104 15.70 5.70 17.75
C ALA B 104 15.96 4.49 16.85
N ALA B 105 15.40 4.47 15.64
CA ALA B 105 15.71 3.36 14.74
C ALA B 105 15.50 3.92 13.26
N LYS B 106 16.03 3.23 12.30
CA LYS B 106 15.90 3.58 10.88
C LYS B 106 15.57 2.31 10.10
N CYS B 107 15.23 2.43 8.84
CA CYS B 107 14.83 1.28 8.03
C CYS B 107 15.47 1.48 6.61
N ARG B 108 16.08 0.44 6.08
CA ARG B 108 16.67 0.48 4.75
C ARG B 108 15.84 -0.35 3.79
N GLY B 109 14.56 -0.55 4.04
CA GLY B 109 13.74 -1.34 3.12
C GLY B 109 13.05 -2.48 3.87
N TYR B 110 12.47 -3.36 3.11
CA TYR B 110 11.85 -4.53 3.73
C TYR B 110 11.93 -5.69 2.81
N ARG B 111 11.74 -6.90 3.36
CA ARG B 111 11.69 -8.10 2.59
C ARG B 111 10.40 -8.80 2.83
N GLU B 112 9.85 -9.43 1.79
CA GLU B 112 8.60 -10.16 1.98
C GLU B 112 8.85 -11.63 1.91
N ILE B 113 8.04 -12.40 2.63
CA ILE B 113 8.19 -13.84 2.59
C ILE B 113 7.38 -14.36 1.41
N PRO B 114 7.88 -15.42 0.73
CA PRO B 114 7.08 -15.91 -0.40
C PRO B 114 5.65 -16.22 0.01
N GLU B 115 4.69 -15.64 -0.72
CA GLU B 115 3.27 -15.83 -0.41
C GLU B 115 2.87 -17.29 -0.11
N GLY B 116 2.17 -17.43 0.99
CA GLY B 116 1.67 -18.72 1.46
C GLY B 116 2.66 -19.82 1.82
N ASN B 117 3.95 -19.50 1.88
CA ASN B 117 4.93 -20.54 2.19
C ASN B 117 5.34 -20.58 3.66
N GLU B 118 4.75 -21.49 4.47
CA GLU B 118 5.13 -21.54 5.88
C GLU B 118 6.55 -22.05 6.13
N LYS B 119 7.12 -22.85 5.20
CA LYS B 119 8.51 -23.30 5.34
C LYS B 119 9.39 -22.08 5.23
N ALA B 120 9.06 -21.18 4.28
CA ALA B 120 9.84 -19.97 4.09
C ALA B 120 9.66 -19.03 5.25
N LEU B 121 8.47 -18.99 5.85
CA LEU B 121 8.24 -18.10 7.01
C LEU B 121 9.03 -18.67 8.18
N LYS B 122 9.07 -20.04 8.33
CA LYS B 122 9.82 -20.61 9.44
C LYS B 122 11.31 -20.22 9.35
N ARG B 123 11.88 -20.39 8.16
CA ARG B 123 13.30 -20.06 7.91
C ARG B 123 13.60 -18.59 8.19
N ALA B 124 12.64 -17.72 7.79
CA ALA B 124 12.77 -16.29 8.03
C ALA B 124 12.78 -16.01 9.52
N VAL B 125 11.86 -16.56 10.31
CA VAL B 125 11.86 -16.30 11.75
C VAL B 125 13.15 -16.78 12.36
N ALA B 126 13.59 -17.96 11.95
CA ALA B 126 14.82 -18.45 12.54
C ALA B 126 16.02 -17.58 12.12
N ARG B 127 16.09 -17.14 10.87
CA ARG B 127 17.26 -16.38 10.41
C ARG B 127 17.29 -14.90 10.80
N VAL B 128 16.11 -14.25 10.79
CA VAL B 128 15.95 -12.82 11.05
C VAL B 128 15.61 -12.40 12.46
N GLY B 129 14.59 -13.01 13.04
CA GLY B 129 14.03 -12.50 14.30
C GLY B 129 12.53 -12.44 14.08
N PRO B 130 11.84 -11.63 14.90
CA PRO B 130 10.37 -11.52 14.75
C PRO B 130 9.97 -10.98 13.41
N VAL B 131 8.89 -11.52 12.83
CA VAL B 131 8.42 -11.10 11.54
C VAL B 131 6.97 -10.63 11.63
N SER B 132 6.63 -9.50 10.94
CA SER B 132 5.23 -9.06 10.93
C SER B 132 4.40 -9.89 10.05
N VAL B 133 3.21 -10.32 10.59
CA VAL B 133 2.30 -11.15 9.83
C VAL B 133 0.87 -10.62 9.91
N ALA B 134 0.15 -11.04 8.87
CA ALA B 134 -1.28 -10.79 8.83
C ALA B 134 -2.13 -12.04 8.98
N ILE B 135 -3.30 -11.94 9.61
CA ILE B 135 -4.10 -13.15 9.74
C ILE B 135 -5.55 -12.86 9.76
N ASP B 136 -6.35 -13.91 9.59
CA ASP B 136 -7.79 -13.72 9.84
C ASP B 136 -8.05 -13.93 11.33
N ALA B 137 -8.26 -12.81 12.09
CA ALA B 137 -8.55 -12.80 13.51
C ALA B 137 -10.09 -12.57 13.64
N SER B 138 -10.80 -12.71 12.52
CA SER B 138 -12.23 -12.42 12.59
C SER B 138 -13.08 -13.40 13.37
N LEU B 139 -12.84 -14.73 13.24
CA LEU B 139 -13.64 -15.71 13.98
C LEU B 139 -13.83 -15.41 15.46
N THR B 140 -15.03 -15.75 16.04
CA THR B 140 -15.26 -15.50 17.45
C THR B 140 -14.34 -16.36 18.29
N SER B 141 -13.92 -17.49 17.72
CA SER B 141 -13.05 -18.37 18.50
C SER B 141 -11.68 -17.71 18.83
N PHE B 142 -11.17 -16.95 17.87
CA PHE B 142 -9.91 -16.20 18.01
C PHE B 142 -10.08 -15.16 19.08
N GLN B 143 -11.17 -14.38 18.96
CA GLN B 143 -11.45 -13.33 19.90
C GLN B 143 -11.50 -13.84 21.33
N PHE B 144 -12.09 -15.05 21.54
CA PHE B 144 -12.15 -15.61 22.88
C PHE B 144 -11.09 -16.68 23.04
N TYR B 145 -10.00 -16.62 22.24
CA TYR B 145 -8.96 -17.62 22.43
C TYR B 145 -8.52 -17.47 23.86
N SER B 146 -7.99 -18.54 24.42
CA SER B 146 -7.53 -18.57 25.79
C SER B 146 -6.16 -19.25 26.00
N LYS B 147 -6.00 -20.50 25.53
CA LYS B 147 -4.76 -21.25 25.71
C LYS B 147 -4.77 -22.41 24.70
N GLY B 148 -3.61 -23.03 24.44
CA GLY B 148 -3.56 -24.13 23.49
C GLY B 148 -3.11 -23.73 22.10
N VAL B 149 -2.96 -24.71 21.20
CA VAL B 149 -2.64 -24.38 19.81
C VAL B 149 -3.91 -24.07 19.08
N TYR B 150 -4.17 -22.76 18.82
CA TYR B 150 -5.36 -22.36 18.14
C TYR B 150 -5.48 -22.92 16.76
N TYR B 151 -6.65 -23.52 16.48
CA TYR B 151 -6.90 -24.02 15.17
C TYR B 151 -8.41 -24.04 15.03
N ASP B 152 -8.93 -23.50 13.93
CA ASP B 152 -10.39 -23.52 13.67
C ASP B 152 -10.61 -23.69 12.16
N GLU B 153 -11.41 -24.74 11.74
CA GLU B 153 -11.66 -25.04 10.33
C GLU B 153 -12.22 -23.85 9.56
N SER B 154 -12.92 -23.00 10.27
CA SER B 154 -13.58 -21.82 9.71
C SER B 154 -12.67 -20.74 9.22
N CYS B 155 -11.50 -20.56 9.83
CA CYS B 155 -10.58 -19.50 9.40
C CYS B 155 -10.38 -19.37 7.89
N ASN B 156 -10.57 -18.13 7.38
CA ASN B 156 -10.39 -17.90 5.96
C ASN B 156 -9.05 -17.36 5.68
N SER B 157 -8.26 -18.16 4.97
CA SER B 157 -6.91 -17.79 4.62
C SER B 157 -6.88 -16.52 3.78
N ASP B 158 -8.02 -16.12 3.20
CA ASP B 158 -7.96 -14.87 2.46
C ASP B 158 -8.86 -13.72 2.91
N ASN B 159 -9.20 -13.67 4.19
CA ASN B 159 -9.88 -12.57 4.81
C ASN B 159 -8.90 -12.08 5.85
N LEU B 160 -7.77 -11.55 5.37
CA LEU B 160 -6.76 -11.05 6.29
C LEU B 160 -7.25 -9.76 6.89
N ASN B 161 -7.28 -9.62 8.20
CA ASN B 161 -7.86 -8.41 8.76
C ASN B 161 -7.18 -7.93 9.96
N HIS B 162 -6.12 -8.65 10.43
CA HIS B 162 -5.46 -8.19 11.60
C HIS B 162 -3.93 -8.35 11.37
N ALA B 163 -3.13 -7.55 12.08
CA ALA B 163 -1.67 -7.64 11.94
C ALA B 163 -1.13 -8.00 13.31
N VAL B 164 -0.15 -8.96 13.36
CA VAL B 164 0.44 -9.36 14.65
C VAL B 164 1.92 -9.62 14.40
N LEU B 165 2.59 -10.17 15.39
CA LEU B 165 4.03 -10.42 15.21
C LEU B 165 4.38 -11.91 15.49
N ALA B 166 5.06 -12.57 14.55
CA ALA B 166 5.47 -13.96 14.80
C ALA B 166 6.82 -13.87 15.50
N VAL B 167 6.94 -14.32 16.76
CA VAL B 167 8.20 -14.17 17.49
C VAL B 167 8.90 -15.53 17.68
N GLY B 168 8.36 -16.57 17.05
CA GLY B 168 8.92 -17.90 17.21
C GLY B 168 7.96 -18.95 16.69
N TYR B 169 8.39 -20.22 16.88
CA TYR B 169 7.61 -21.37 16.45
C TYR B 169 8.02 -22.60 17.26
N GLY B 170 7.27 -23.68 17.20
CA GLY B 170 7.60 -24.82 18.04
C GLY B 170 6.52 -25.86 17.95
N ILE B 171 6.38 -26.65 19.03
CA ILE B 171 5.36 -27.66 19.07
C ILE B 171 4.85 -27.80 20.50
N GLN B 172 3.54 -28.09 20.67
CA GLN B 172 2.98 -28.24 21.99
C GLN B 172 2.01 -29.41 21.92
N LYS B 173 2.18 -30.41 22.81
CA LYS B 173 1.32 -31.62 22.75
C LYS B 173 1.12 -32.17 21.34
N GLY B 174 2.21 -32.29 20.57
CA GLY B 174 2.14 -32.83 19.23
C GLY B 174 1.76 -31.89 18.12
N ASN B 175 1.27 -30.74 18.51
CA ASN B 175 0.80 -29.73 17.56
C ASN B 175 1.79 -28.58 17.32
N LYS B 176 2.30 -28.51 16.07
CA LYS B 176 3.25 -27.48 15.62
C LYS B 176 2.51 -26.13 15.68
N HIS B 177 3.21 -25.07 16.08
CA HIS B 177 2.56 -23.78 16.20
C HIS B 177 3.54 -22.67 15.85
N TRP B 178 2.94 -21.48 15.81
CA TRP B 178 3.60 -20.19 15.68
C TRP B 178 3.28 -19.50 16.97
N ILE B 179 4.32 -18.77 17.55
CA ILE B 179 4.16 -17.99 18.75
C ILE B 179 3.85 -16.60 18.24
N ILE B 180 2.63 -16.14 18.47
CA ILE B 180 2.18 -14.84 17.99
C ILE B 180 1.92 -13.83 19.11
N LYS B 181 2.52 -12.66 18.99
CA LYS B 181 2.29 -11.54 19.91
C LYS B 181 1.19 -10.72 19.33
N ASN B 182 0.12 -10.51 20.11
CA ASN B 182 -0.97 -9.67 19.65
C ASN B 182 -0.80 -8.31 20.27
N SER B 183 -1.77 -7.37 19.94
CA SER B 183 -1.69 -6.04 20.50
C SER B 183 -3.04 -5.79 21.20
N TRP B 184 -3.56 -6.81 21.94
CA TRP B 184 -4.86 -6.64 22.61
C TRP B 184 -4.74 -6.59 24.12
N GLY B 185 -3.55 -6.26 24.59
CA GLY B 185 -3.27 -6.17 26.01
C GLY B 185 -2.89 -7.52 26.57
N GLU B 186 -2.36 -7.52 27.77
CA GLU B 186 -1.91 -8.73 28.44
C GLU B 186 -3.05 -9.63 28.97
N ASN B 187 -4.27 -9.10 29.02
CA ASN B 187 -5.42 -9.83 29.54
C ASN B 187 -6.07 -10.69 28.48
N TRP B 188 -5.67 -10.49 27.24
CA TRP B 188 -6.22 -11.29 26.16
C TRP B 188 -5.39 -12.52 25.93
N GLY B 189 -6.02 -13.63 25.59
CA GLY B 189 -5.28 -14.85 25.30
C GLY B 189 -4.33 -15.29 26.40
N ASN B 190 -3.20 -15.85 26.01
CA ASN B 190 -2.22 -16.25 26.99
C ASN B 190 -1.28 -15.11 27.26
N LYS B 191 -1.69 -14.23 28.19
CA LYS B 191 -0.99 -13.01 28.58
C LYS B 191 -0.67 -12.21 27.33
N GLY B 192 -1.65 -12.08 26.46
CA GLY B 192 -1.45 -11.31 25.23
C GLY B 192 -0.90 -12.07 24.04
N TYR B 193 -0.61 -13.34 24.25
CA TYR B 193 -0.04 -14.18 23.20
C TYR B 193 -0.95 -15.26 22.76
N ILE B 194 -0.69 -15.77 21.56
CA ILE B 194 -1.47 -16.89 21.02
C ILE B 194 -0.58 -17.81 20.20
N LEU B 195 -0.73 -19.12 20.44
CA LEU B 195 -0.03 -20.12 19.68
C LEU B 195 -0.93 -20.52 18.56
N MET B 196 -0.60 -20.23 17.30
CA MET B 196 -1.46 -20.59 16.19
C MET B 196 -0.86 -21.73 15.40
N ALA B 197 -1.74 -22.64 14.94
CA ALA B 197 -1.39 -23.86 14.19
C ALA B 197 -0.48 -23.59 13.01
N ARG B 198 0.59 -24.42 12.92
CA ARG B 198 1.61 -24.37 11.90
C ARG B 198 1.65 -25.62 11.04
N ASN B 199 1.82 -25.45 9.71
CA ASN B 199 1.86 -26.48 8.69
C ASN B 199 0.53 -27.19 8.60
N LYS B 200 -0.53 -26.45 8.88
CA LYS B 200 -1.92 -26.95 8.83
C LYS B 200 -2.64 -26.14 7.75
N ASN B 201 -2.08 -26.20 6.56
CA ASN B 201 -2.51 -25.55 5.36
C ASN B 201 -2.58 -24.06 5.47
N ASN B 202 -1.57 -23.48 6.08
CA ASN B 202 -1.60 -22.01 6.15
C ASN B 202 -2.81 -21.45 6.85
N ALA B 203 -3.15 -22.08 7.98
CA ALA B 203 -4.24 -21.76 8.84
C ALA B 203 -4.24 -20.28 9.14
N CYS B 204 -5.41 -19.66 8.94
CA CYS B 204 -5.63 -18.22 9.15
C CYS B 204 -4.88 -17.31 8.19
N GLY B 205 -4.23 -17.83 7.19
CA GLY B 205 -3.46 -17.03 6.23
C GLY B 205 -2.20 -16.45 6.83
N ILE B 206 -1.69 -17.12 7.88
CA ILE B 206 -0.48 -16.64 8.55
C ILE B 206 0.70 -16.37 7.61
N ALA B 207 0.90 -17.14 6.54
CA ALA B 207 2.02 -16.85 5.66
C ALA B 207 1.66 -16.12 4.37
N ASN B 208 0.55 -15.42 4.35
CA ASN B 208 0.18 -14.72 3.13
C ASN B 208 0.68 -13.29 2.96
N LEU B 209 0.97 -12.63 4.06
CA LEU B 209 1.43 -11.25 3.99
C LEU B 209 2.44 -10.99 5.06
N ALA B 210 3.53 -11.76 5.03
CA ALA B 210 4.55 -11.62 6.07
C ALA B 210 5.74 -10.82 5.54
N SER B 211 6.23 -9.92 6.35
CA SER B 211 7.37 -9.09 5.95
C SER B 211 8.18 -8.75 7.16
N PHE B 212 9.40 -8.24 6.87
CA PHE B 212 10.24 -7.75 7.93
C PHE B 212 11.08 -6.63 7.39
N PRO B 213 11.50 -5.73 8.27
CA PRO B 213 12.30 -4.60 7.84
C PRO B 213 13.79 -4.90 7.74
N LYS B 214 14.45 -4.18 6.85
CA LYS B 214 15.90 -4.24 6.68
C LYS B 214 16.55 -3.12 7.50
N MET B 215 17.72 -3.36 8.08
CA MET B 215 18.44 -2.33 8.79
C MET B 215 19.94 -2.42 8.42
#